data_4EJ4
#
_entry.id   4EJ4
#
_cell.length_a   73.278
_cell.length_b   73.278
_cell.length_c   266.653
_cell.angle_alpha   90.00
_cell.angle_beta   90.00
_cell.angle_gamma   120.00
#
_symmetry.space_group_name_H-M   'P 31 2 1'
#
loop_
_entity.id
_entity.type
_entity.pdbx_description
1 polymer 'Delta-type opioid receptor, Lysozyme chimera'
2 non-polymer (4bS,8R,8aS,14bR)-7-(cyclopropylmethyl)-5,6,7,8,14,14b-hexahydro-4,8-methano[1]benzofuro[2,3-a]pyrido[4,3-b]carbazole-1,8a(9H)-diol
#
_entity_poly.entity_id   1
_entity_poly.type   'polypeptide(L)'
_entity_poly.pdbx_seq_one_letter_code
;GSPGARSASSLALAIAITALYSAVCAVGLLGNVLVMFGIVRYTKLKTATNIYIFNLALADALATSTLPFQSAKYLMETWP
FGELLCKAVLSIDYYNMFTSIFTLTMMSVDRYIAVCHPVKALDFRTPAKAKLINICIWVLASGVGVPIMVMAVTQPRDGA
VVCMLQFPSPSWYWDTVTKICVFLFAFVVPILIITVCYGLMLLRLRSVRNIFEMLRIDEGLRLKIYKNTEGYYTIGIGHL
LTKSPSLNAAKSELDKAIGRNTNGVITKDEAEKLFNQDVDAAVRGILRNAKLKPVYDSLDAVRRAALINMVFQMGETGVA
GFTNSLRMLQQKRWDEAAVNLAKSRWYNQTPNRAKRVITTFRTGTWDAYEKDRSLRRITRMVLVVVGAFVVCWAPIHIFV
IVWTLVDINRRDPLVVAALHLCIALGYANSSLNPVLYAFLDENFKRCFRQLCRTPCGRQEP
;
_entity_poly.pdbx_strand_id   A
#
# COMPACT_ATOMS: atom_id res chain seq x y z
N ARG A 6 -45.39 -19.76 3.24
CA ARG A 6 -44.61 -18.54 3.17
C ARG A 6 -43.71 -18.37 4.38
N SER A 7 -44.22 -18.76 5.54
CA SER A 7 -43.55 -18.50 6.81
C SER A 7 -42.53 -19.56 7.20
N ALA A 8 -42.73 -20.80 6.76
CA ALA A 8 -41.75 -21.86 7.02
C ALA A 8 -40.41 -21.50 6.38
N SER A 9 -40.50 -20.79 5.25
CA SER A 9 -39.34 -20.28 4.54
C SER A 9 -38.76 -19.04 5.22
N SER A 10 -39.55 -17.97 5.24
CA SER A 10 -39.09 -16.65 5.67
C SER A 10 -38.80 -16.50 7.17
N LEU A 11 -39.63 -17.10 8.02
CA LEU A 11 -39.49 -16.88 9.47
C LEU A 11 -38.17 -17.38 10.04
N ALA A 12 -37.76 -18.58 9.69
CA ALA A 12 -36.51 -19.14 10.19
C ALA A 12 -35.36 -18.18 9.89
N LEU A 13 -35.27 -17.76 8.63
CA LEU A 13 -34.21 -16.87 8.20
C LEU A 13 -34.30 -15.52 8.87
N ALA A 14 -35.51 -15.01 9.03
CA ALA A 14 -35.71 -13.71 9.66
C ALA A 14 -35.24 -13.71 11.11
N ILE A 15 -35.62 -14.73 11.86
CA ILE A 15 -35.23 -14.84 13.26
C ILE A 15 -33.71 -15.04 13.38
N ALA A 16 -33.16 -15.96 12.57
CA ALA A 16 -31.72 -16.22 12.58
C ALA A 16 -30.95 -14.92 12.32
N ILE A 17 -31.42 -14.15 11.36
CA ILE A 17 -30.82 -12.86 11.04
C ILE A 17 -30.96 -11.88 12.20
N THR A 18 -32.07 -11.94 12.93
CA THR A 18 -32.23 -11.09 14.10
C THR A 18 -31.16 -11.43 15.15
N ALA A 19 -30.92 -12.73 15.33
CA ALA A 19 -29.87 -13.19 16.24
C ALA A 19 -28.49 -12.68 15.82
N LEU A 20 -28.10 -13.02 14.60
CA LEU A 20 -26.82 -12.59 14.05
C LEU A 20 -26.62 -11.09 14.19
N TYR A 21 -27.62 -10.32 13.77
CA TYR A 21 -27.60 -8.87 13.88
C TYR A 21 -27.44 -8.41 15.32
N SER A 22 -28.06 -9.15 16.25
CA SER A 22 -27.95 -8.82 17.67
C SER A 22 -26.51 -9.00 18.17
N ALA A 23 -25.86 -10.06 17.69
CA ALA A 23 -24.46 -10.32 18.03
C ALA A 23 -23.51 -9.28 17.45
N VAL A 24 -23.63 -9.06 16.15
CA VAL A 24 -22.85 -8.03 15.47
C VAL A 24 -23.04 -6.67 16.15
N CYS A 25 -24.26 -6.41 16.61
CA CYS A 25 -24.56 -5.19 17.32
C CYS A 25 -23.82 -5.11 18.66
N ALA A 26 -23.92 -6.17 19.46
CA ALA A 26 -23.26 -6.21 20.76
C ALA A 26 -21.76 -6.02 20.63
N VAL A 27 -21.11 -7.01 20.02
CA VAL A 27 -19.66 -7.00 19.85
C VAL A 27 -19.19 -5.73 19.15
N GLY A 28 -19.84 -5.39 18.04
CA GLY A 28 -19.47 -4.22 17.27
C GLY A 28 -19.52 -2.93 18.06
N LEU A 29 -20.69 -2.64 18.62
CA LEU A 29 -20.89 -1.39 19.36
C LEU A 29 -19.96 -1.28 20.56
N LEU A 30 -19.96 -2.30 21.41
CA LEU A 30 -19.14 -2.25 22.62
C LEU A 30 -17.65 -2.21 22.34
N GLY A 31 -17.21 -3.03 21.39
CA GLY A 31 -15.82 -3.02 20.93
C GLY A 31 -15.37 -1.66 20.42
N ASN A 32 -16.07 -1.13 19.44
CA ASN A 32 -15.71 0.18 18.87
C ASN A 32 -15.77 1.33 19.86
N VAL A 33 -16.75 1.30 20.77
CA VAL A 33 -16.83 2.30 21.82
C VAL A 33 -15.65 2.21 22.79
N LEU A 34 -15.28 0.98 23.14
CA LEU A 34 -14.10 0.73 23.96
C LEU A 34 -12.84 1.31 23.30
N VAL A 35 -12.67 1.04 22.01
CA VAL A 35 -11.53 1.58 21.27
C VAL A 35 -11.50 3.11 21.26
N MET A 36 -12.63 3.74 20.94
CA MET A 36 -12.73 5.20 20.99
C MET A 36 -12.27 5.71 22.36
N PHE A 37 -12.85 5.13 23.40
CA PHE A 37 -12.50 5.46 24.78
C PHE A 37 -10.99 5.40 25.00
N GLY A 38 -10.40 4.30 24.54
CA GLY A 38 -8.97 4.08 24.70
C GLY A 38 -8.10 5.12 24.00
N ILE A 39 -8.38 5.36 22.73
CA ILE A 39 -7.61 6.33 21.96
C ILE A 39 -7.75 7.72 22.57
N VAL A 40 -8.87 7.98 23.24
CA VAL A 40 -9.03 9.27 23.90
C VAL A 40 -8.25 9.39 25.21
N ARG A 41 -8.53 8.49 26.17
CA ARG A 41 -7.99 8.64 27.52
C ARG A 41 -6.46 8.55 27.64
N TYR A 42 -5.87 7.49 27.09
CA TYR A 42 -4.43 7.25 27.26
C TYR A 42 -3.60 8.12 26.32
N THR A 43 -2.33 8.31 26.66
CA THR A 43 -1.43 9.11 25.81
C THR A 43 -0.49 8.22 25.00
N LYS A 44 -0.30 6.99 25.46
CA LYS A 44 0.56 6.03 24.77
C LYS A 44 -0.08 5.51 23.48
N LEU A 45 -1.23 6.06 23.12
CA LEU A 45 -1.99 5.62 21.96
C LEU A 45 -2.21 6.76 20.96
N LYS A 46 -1.78 7.96 21.33
CA LYS A 46 -2.09 9.16 20.55
C LYS A 46 -1.20 9.41 19.33
N THR A 47 -1.26 8.51 18.35
CA THR A 47 -0.57 8.69 17.08
C THR A 47 -1.56 9.02 15.95
N ALA A 48 -1.04 9.19 14.74
CA ALA A 48 -1.89 9.50 13.59
C ALA A 48 -2.76 8.30 13.22
N THR A 49 -2.09 7.20 12.87
CA THR A 49 -2.72 5.94 12.50
C THR A 49 -3.86 5.57 13.46
N ASN A 50 -3.58 5.71 14.75
CA ASN A 50 -4.56 5.38 15.77
C ASN A 50 -5.75 6.34 15.82
N ILE A 51 -5.51 7.61 15.50
CA ILE A 51 -6.59 8.58 15.38
C ILE A 51 -7.50 8.21 14.20
N TYR A 52 -6.88 7.78 13.11
CA TYR A 52 -7.64 7.24 11.98
C TYR A 52 -8.52 6.08 12.44
N ILE A 53 -7.92 5.18 13.22
CA ILE A 53 -8.68 4.07 13.81
C ILE A 53 -9.85 4.58 14.68
N PHE A 54 -9.65 5.72 15.33
CA PHE A 54 -10.73 6.36 16.09
C PHE A 54 -11.90 6.73 15.17
N ASN A 55 -11.58 7.31 14.00
CA ASN A 55 -12.63 7.64 13.02
C ASN A 55 -13.40 6.39 12.58
N LEU A 56 -12.65 5.36 12.18
CA LEU A 56 -13.22 4.08 11.78
C LEU A 56 -14.15 3.50 12.86
N ALA A 57 -13.72 3.63 14.12
CA ALA A 57 -14.48 3.16 15.27
C ALA A 57 -15.79 3.91 15.44
N LEU A 58 -15.74 5.24 15.40
CA LEU A 58 -16.95 6.06 15.49
C LEU A 58 -17.95 5.65 14.42
N ALA A 59 -17.49 5.61 13.18
CA ALA A 59 -18.36 5.21 12.06
C ALA A 59 -19.02 3.85 12.27
N ASP A 60 -18.20 2.84 12.57
CA ASP A 60 -18.70 1.47 12.73
C ASP A 60 -19.64 1.29 13.93
N ALA A 61 -19.40 2.05 15.00
CA ALA A 61 -20.28 2.04 16.16
C ALA A 61 -21.63 2.63 15.81
N LEU A 62 -21.61 3.78 15.13
CA LEU A 62 -22.84 4.37 14.61
C LEU A 62 -23.61 3.40 13.71
N ALA A 63 -22.88 2.63 12.90
CA ALA A 63 -23.51 1.62 12.07
C ALA A 63 -24.16 0.52 12.89
N THR A 64 -23.48 0.06 13.92
CA THR A 64 -23.99 -1.06 14.72
C THR A 64 -25.10 -0.67 15.69
N SER A 65 -25.25 0.62 15.95
CA SER A 65 -26.32 1.06 16.85
C SER A 65 -27.71 0.86 16.26
N THR A 66 -27.81 0.94 14.93
CA THR A 66 -29.11 0.88 14.24
C THR A 66 -29.50 -0.55 13.86
N LEU A 67 -28.66 -1.50 14.23
CA LEU A 67 -28.90 -2.90 13.89
C LEU A 67 -30.15 -3.57 14.47
N PRO A 68 -30.63 -3.15 15.67
CA PRO A 68 -31.90 -3.76 16.09
C PRO A 68 -33.03 -3.38 15.14
N PHE A 69 -33.20 -2.08 14.90
CA PHE A 69 -34.26 -1.54 14.08
C PHE A 69 -34.33 -2.20 12.70
N GLN A 70 -33.17 -2.60 12.18
CA GLN A 70 -33.10 -3.22 10.87
C GLN A 70 -33.39 -4.71 10.88
N SER A 71 -33.32 -5.33 12.06
CA SER A 71 -33.73 -6.72 12.19
C SER A 71 -35.23 -6.77 12.39
N ALA A 72 -35.76 -5.68 12.97
CA ALA A 72 -37.20 -5.53 13.13
C ALA A 72 -37.87 -5.42 11.77
N LYS A 73 -37.14 -4.88 10.80
CA LYS A 73 -37.62 -4.79 9.43
C LYS A 73 -37.87 -6.17 8.86
N TYR A 74 -36.95 -7.09 9.09
CA TYR A 74 -37.01 -8.41 8.48
C TYR A 74 -37.96 -9.37 9.23
N LEU A 75 -38.30 -9.01 10.47
CA LEU A 75 -39.25 -9.79 11.26
C LEU A 75 -40.68 -9.37 11.02
N MET A 76 -40.93 -8.06 11.16
CA MET A 76 -42.28 -7.51 11.11
C MET A 76 -42.69 -7.11 9.69
N GLU A 77 -41.73 -7.13 8.78
CA GLU A 77 -41.97 -6.87 7.36
C GLU A 77 -42.58 -5.48 7.11
N THR A 78 -42.38 -4.56 8.04
CA THR A 78 -42.86 -3.19 7.91
C THR A 78 -42.01 -2.23 8.77
N TRP A 79 -42.28 -0.93 8.68
CA TRP A 79 -41.52 0.03 9.47
C TRP A 79 -42.41 0.78 10.48
N PRO A 80 -42.53 0.23 11.69
CA PRO A 80 -43.45 0.73 12.71
C PRO A 80 -43.02 1.99 13.47
N PHE A 81 -41.71 2.28 13.47
CA PHE A 81 -41.15 3.23 14.43
C PHE A 81 -41.45 4.71 14.17
N GLY A 82 -41.44 5.11 12.91
CA GLY A 82 -41.65 6.50 12.57
C GLY A 82 -40.72 6.95 11.45
N GLU A 83 -40.76 8.24 11.12
CA GLU A 83 -40.01 8.73 9.96
C GLU A 83 -38.67 9.39 10.31
N LEU A 84 -38.58 10.05 11.47
CA LEU A 84 -37.31 10.61 11.91
C LEU A 84 -36.30 9.49 12.09
N LEU A 85 -36.76 8.39 12.67
CA LEU A 85 -35.95 7.20 12.88
C LEU A 85 -35.55 6.57 11.54
N CYS A 86 -36.46 6.63 10.58
CA CYS A 86 -36.19 6.18 9.22
C CYS A 86 -35.02 6.96 8.61
N LYS A 87 -35.18 8.28 8.57
CA LYS A 87 -34.14 9.21 8.14
C LYS A 87 -32.80 8.94 8.82
N ALA A 88 -32.83 8.76 10.14
CA ALA A 88 -31.63 8.48 10.92
C ALA A 88 -30.92 7.20 10.51
N VAL A 89 -31.65 6.09 10.50
CA VAL A 89 -31.04 4.81 10.14
C VAL A 89 -30.47 4.82 8.71
N LEU A 90 -31.21 5.37 7.77
CA LEU A 90 -30.71 5.46 6.38
C LEU A 90 -29.46 6.33 6.27
N SER A 91 -29.58 7.55 6.78
CA SER A 91 -28.47 8.49 6.81
C SER A 91 -27.20 7.85 7.40
N ILE A 92 -27.34 7.26 8.59
CA ILE A 92 -26.21 6.59 9.24
C ILE A 92 -25.64 5.47 8.39
N ASP A 93 -26.51 4.68 7.77
CA ASP A 93 -26.06 3.60 6.89
C ASP A 93 -25.14 4.12 5.78
N TYR A 94 -25.62 5.13 5.06
CA TYR A 94 -24.83 5.73 3.99
C TYR A 94 -23.52 6.35 4.50
N TYR A 95 -23.62 7.05 5.63
CA TYR A 95 -22.46 7.66 6.27
C TYR A 95 -21.36 6.63 6.52
N ASN A 96 -21.72 5.57 7.25
CA ASN A 96 -20.80 4.48 7.52
C ASN A 96 -20.15 3.97 6.23
N MET A 97 -20.99 3.66 5.25
CA MET A 97 -20.49 3.19 3.95
C MET A 97 -19.41 4.10 3.35
N PHE A 98 -19.58 5.41 3.46
CA PHE A 98 -18.60 6.35 2.90
C PHE A 98 -17.36 6.61 3.79
N THR A 99 -17.59 7.10 5.00
CA THR A 99 -16.50 7.41 5.93
C THR A 99 -15.57 6.24 6.16
N SER A 100 -16.11 5.02 6.18
CA SER A 100 -15.26 3.84 6.37
C SER A 100 -14.17 3.73 5.30
N ILE A 101 -14.58 3.80 4.03
CA ILE A 101 -13.63 3.64 2.94
C ILE A 101 -12.72 4.87 2.76
N PHE A 102 -13.28 6.06 2.98
CA PHE A 102 -12.46 7.28 2.98
C PHE A 102 -11.32 7.17 3.99
N THR A 103 -11.69 6.87 5.24
CA THR A 103 -10.70 6.71 6.29
C THR A 103 -9.69 5.65 5.93
N LEU A 104 -10.15 4.52 5.40
CA LEU A 104 -9.19 3.47 5.02
C LEU A 104 -8.16 3.90 3.97
N THR A 105 -8.61 4.65 2.96
CA THR A 105 -7.65 5.11 1.95
C THR A 105 -6.70 6.19 2.50
N MET A 106 -7.20 7.04 3.39
CA MET A 106 -6.32 8.01 4.05
C MET A 106 -5.28 7.34 4.95
N MET A 107 -5.66 6.23 5.57
CA MET A 107 -4.74 5.42 6.35
C MET A 107 -3.69 4.81 5.45
N SER A 108 -4.11 4.26 4.32
CA SER A 108 -3.15 3.64 3.40
C SER A 108 -2.17 4.67 2.83
N VAL A 109 -2.68 5.85 2.50
CA VAL A 109 -1.84 6.93 2.00
C VAL A 109 -0.84 7.38 3.06
N ASP A 110 -1.34 7.52 4.30
CA ASP A 110 -0.51 7.97 5.42
C ASP A 110 0.57 6.96 5.79
N ARG A 111 0.20 5.69 5.79
CA ARG A 111 1.12 4.59 5.99
C ARG A 111 2.20 4.58 4.90
N TYR A 112 1.77 4.77 3.66
CA TYR A 112 2.68 4.87 2.52
C TYR A 112 3.66 6.02 2.67
N ILE A 113 3.16 7.18 3.11
CA ILE A 113 3.98 8.35 3.35
C ILE A 113 5.03 8.03 4.41
N ALA A 114 4.57 7.45 5.51
CA ALA A 114 5.47 7.04 6.58
C ALA A 114 6.59 6.13 6.10
N VAL A 115 6.25 5.04 5.44
CA VAL A 115 7.22 4.01 5.09
C VAL A 115 8.07 4.32 3.86
N CYS A 116 7.42 4.76 2.79
CA CYS A 116 8.10 4.96 1.50
C CYS A 116 8.84 6.29 1.40
N HIS A 117 8.33 7.31 2.08
CA HIS A 117 8.99 8.61 2.09
C HIS A 117 9.45 8.97 3.50
N PRO A 118 10.39 8.20 4.07
CA PRO A 118 10.70 8.25 5.50
C PRO A 118 11.37 9.55 5.92
N VAL A 119 12.26 10.08 5.10
CA VAL A 119 12.99 11.30 5.45
C VAL A 119 12.04 12.48 5.60
N LYS A 120 11.06 12.57 4.70
CA LYS A 120 10.14 13.69 4.67
C LYS A 120 8.90 13.44 5.52
N ALA A 121 8.71 12.19 5.93
CA ALA A 121 7.57 11.80 6.76
C ALA A 121 7.54 12.59 8.06
N LEU A 122 8.71 12.73 8.67
CA LEU A 122 8.88 13.39 9.97
C LEU A 122 8.26 14.78 10.06
N ASP A 123 8.00 15.40 8.90
CA ASP A 123 7.57 16.79 8.85
C ASP A 123 6.06 17.02 8.80
N PHE A 124 5.31 16.15 8.12
CA PHE A 124 3.85 16.35 8.10
C PHE A 124 2.99 15.15 8.55
N ARG A 125 3.61 14.17 9.21
CA ARG A 125 2.83 13.10 9.85
C ARG A 125 2.63 13.36 11.34
N THR A 126 1.85 14.40 11.63
CA THR A 126 1.49 14.75 13.00
C THR A 126 0.06 14.26 13.27
N PRO A 127 -0.28 14.00 14.55
CA PRO A 127 -1.66 13.56 14.82
C PRO A 127 -2.70 14.64 14.55
N ALA A 128 -2.35 15.91 14.70
CA ALA A 128 -3.28 16.99 14.42
C ALA A 128 -3.66 17.00 12.94
N LYS A 129 -2.71 16.63 12.10
CA LYS A 129 -2.94 16.40 10.68
C LYS A 129 -4.05 15.35 10.52
N ALA A 130 -3.88 14.24 11.22
CA ALA A 130 -4.85 13.13 11.17
C ALA A 130 -6.24 13.56 11.62
N LYS A 131 -6.30 14.35 12.69
CA LYS A 131 -7.56 14.86 13.21
C LYS A 131 -8.25 15.74 12.16
N LEU A 132 -7.47 16.67 11.60
CA LEU A 132 -7.95 17.54 10.54
C LEU A 132 -8.55 16.72 9.40
N ILE A 133 -7.79 15.72 8.96
CA ILE A 133 -8.22 14.81 7.91
C ILE A 133 -9.53 14.08 8.25
N ASN A 134 -9.65 13.62 9.49
CA ASN A 134 -10.90 13.00 9.94
C ASN A 134 -12.10 13.92 9.76
N ILE A 135 -11.98 15.15 10.27
CA ILE A 135 -13.03 16.15 10.10
C ILE A 135 -13.39 16.37 8.62
N CYS A 136 -12.36 16.47 7.79
CA CYS A 136 -12.56 16.61 6.35
C CYS A 136 -13.33 15.42 5.76
N ILE A 137 -12.99 14.22 6.21
CA ILE A 137 -13.68 13.01 5.78
C ILE A 137 -15.16 13.10 6.12
N TRP A 138 -15.46 13.45 7.36
CA TRP A 138 -16.87 13.56 7.75
C TRP A 138 -17.63 14.62 6.95
N VAL A 139 -16.99 15.74 6.66
CA VAL A 139 -17.66 16.76 5.83
C VAL A 139 -17.94 16.28 4.39
N LEU A 140 -16.92 15.71 3.75
CA LEU A 140 -17.08 15.20 2.39
C LEU A 140 -18.15 14.13 2.37
N ALA A 141 -18.24 13.36 3.46
CA ALA A 141 -19.32 12.41 3.63
C ALA A 141 -20.66 13.12 3.66
N SER A 142 -20.76 14.16 4.49
CA SER A 142 -21.97 14.97 4.61
C SER A 142 -22.43 15.51 3.26
N GLY A 143 -21.49 15.65 2.33
CA GLY A 143 -21.83 15.98 0.96
C GLY A 143 -22.93 15.09 0.39
N VAL A 144 -22.86 13.81 0.69
CA VAL A 144 -23.86 12.83 0.24
C VAL A 144 -24.88 12.55 1.35
N GLY A 145 -24.44 12.66 2.59
CA GLY A 145 -25.27 12.31 3.72
C GLY A 145 -26.38 13.28 4.06
N VAL A 146 -26.13 14.58 3.91
CA VAL A 146 -27.15 15.59 4.20
C VAL A 146 -28.37 15.52 3.25
N PRO A 147 -28.14 15.32 1.94
CA PRO A 147 -29.33 15.07 1.10
C PRO A 147 -30.08 13.79 1.48
N ILE A 148 -29.36 12.67 1.60
CA ILE A 148 -29.96 11.39 1.97
C ILE A 148 -30.81 11.50 3.23
N MET A 149 -30.37 12.34 4.16
CA MET A 149 -31.07 12.54 5.41
C MET A 149 -32.46 13.14 5.20
N VAL A 150 -32.62 14.01 4.20
CA VAL A 150 -33.91 14.65 3.96
C VAL A 150 -34.70 13.98 2.84
N MET A 151 -34.02 13.23 1.98
CA MET A 151 -34.68 12.47 0.93
C MET A 151 -35.20 11.11 1.40
N ALA A 152 -34.89 10.76 2.64
CA ALA A 152 -35.43 9.56 3.26
C ALA A 152 -36.81 9.88 3.78
N VAL A 153 -37.79 9.05 3.39
CA VAL A 153 -39.20 9.31 3.67
C VAL A 153 -39.97 8.00 3.85
N THR A 154 -41.15 8.11 4.47
CA THR A 154 -42.03 6.99 4.73
C THR A 154 -43.23 6.98 3.78
N GLN A 155 -43.30 5.99 2.90
CA GLN A 155 -44.39 5.88 1.95
C GLN A 155 -44.94 4.46 1.95
N PRO A 156 -46.28 4.33 1.98
CA PRO A 156 -46.92 3.02 2.02
C PRO A 156 -46.93 2.31 0.67
N ARG A 157 -46.07 1.31 0.50
CA ARG A 157 -46.17 0.38 -0.60
C ARG A 157 -47.40 -0.47 -0.30
N ASP A 158 -47.95 -1.11 -1.33
CA ASP A 158 -49.14 -1.93 -1.13
C ASP A 158 -48.89 -3.02 -0.10
N GLY A 159 -49.63 -2.97 1.00
CA GLY A 159 -49.55 -4.00 2.01
C GLY A 159 -48.66 -3.67 3.19
N ALA A 160 -47.85 -2.62 3.07
CA ALA A 160 -46.91 -2.26 4.13
C ALA A 160 -46.45 -0.80 4.10
N VAL A 161 -45.91 -0.34 5.21
CA VAL A 161 -45.29 0.98 5.29
C VAL A 161 -43.79 0.86 5.01
N VAL A 162 -43.29 1.65 4.06
CA VAL A 162 -41.90 1.52 3.64
C VAL A 162 -41.03 2.74 3.92
N CYS A 163 -39.88 2.52 4.54
CA CYS A 163 -38.88 3.56 4.74
C CYS A 163 -37.93 3.52 3.56
N MET A 164 -37.90 4.59 2.77
CA MET A 164 -37.16 4.55 1.50
C MET A 164 -36.64 5.91 1.07
N LEU A 165 -35.88 5.94 -0.02
CA LEU A 165 -35.41 7.19 -0.61
C LEU A 165 -36.33 7.60 -1.76
N GLN A 166 -36.78 8.86 -1.73
CA GLN A 166 -37.67 9.38 -2.77
C GLN A 166 -36.96 10.36 -3.68
N PHE A 167 -36.42 9.85 -4.80
CA PHE A 167 -35.80 10.69 -5.80
C PHE A 167 -36.89 11.48 -6.52
N PRO A 168 -36.70 12.81 -6.63
CA PRO A 168 -37.65 13.64 -7.38
C PRO A 168 -37.79 13.09 -8.80
N SER A 169 -39.02 13.02 -9.30
CA SER A 169 -39.30 12.42 -10.60
C SER A 169 -38.45 13.09 -11.70
N PRO A 170 -37.86 12.29 -12.60
CA PRO A 170 -37.99 10.81 -12.70
C PRO A 170 -37.16 10.04 -11.67
N SER A 171 -37.85 9.25 -10.84
CA SER A 171 -37.21 8.52 -9.75
C SER A 171 -36.13 7.51 -10.19
N TRP A 172 -36.48 6.65 -11.14
CA TRP A 172 -35.58 5.58 -11.60
C TRP A 172 -34.24 6.12 -12.12
N TYR A 173 -34.32 7.27 -12.79
CA TYR A 173 -33.13 7.93 -13.34
C TYR A 173 -32.13 8.24 -12.24
N TRP A 174 -32.51 9.13 -11.34
CA TRP A 174 -31.65 9.51 -10.22
C TRP A 174 -31.27 8.30 -9.38
N ASP A 175 -32.13 7.29 -9.34
CA ASP A 175 -31.80 6.05 -8.65
C ASP A 175 -30.57 5.39 -9.25
N THR A 176 -30.60 5.13 -10.55
CA THR A 176 -29.47 4.49 -11.22
C THR A 176 -28.22 5.36 -11.18
N VAL A 177 -28.40 6.66 -11.36
CA VAL A 177 -27.30 7.62 -11.21
C VAL A 177 -26.61 7.43 -9.85
N THR A 178 -27.42 7.44 -8.79
CA THR A 178 -26.89 7.26 -7.44
C THR A 178 -26.18 5.92 -7.25
N LYS A 179 -26.79 4.83 -7.72
CA LYS A 179 -26.15 3.52 -7.59
C LYS A 179 -24.79 3.51 -8.28
N ILE A 180 -24.70 4.23 -9.41
CA ILE A 180 -23.44 4.35 -10.15
C ILE A 180 -22.38 5.16 -9.42
N CYS A 181 -22.70 6.41 -9.08
CA CYS A 181 -21.77 7.27 -8.34
C CYS A 181 -21.29 6.62 -7.05
N VAL A 182 -22.20 5.96 -6.35
CA VAL A 182 -21.85 5.25 -5.13
C VAL A 182 -21.02 4.00 -5.45
N PHE A 183 -21.17 3.45 -6.65
CA PHE A 183 -20.29 2.33 -7.02
C PHE A 183 -18.88 2.81 -7.30
N LEU A 184 -18.75 3.99 -7.87
CA LEU A 184 -17.44 4.51 -8.26
C LEU A 184 -16.67 5.08 -7.09
N PHE A 185 -17.32 5.96 -6.33
CA PHE A 185 -16.60 6.73 -5.32
C PHE A 185 -16.60 6.09 -3.94
N ALA A 186 -17.38 5.02 -3.78
CA ALA A 186 -17.34 4.26 -2.53
C ALA A 186 -16.70 2.90 -2.72
N PHE A 187 -16.23 2.64 -3.94
CA PHE A 187 -15.63 1.34 -4.20
C PHE A 187 -14.44 1.39 -5.17
N VAL A 188 -14.71 1.62 -6.45
CA VAL A 188 -13.65 1.51 -7.47
C VAL A 188 -12.48 2.45 -7.24
N VAL A 189 -12.75 3.75 -7.19
CA VAL A 189 -11.72 4.76 -6.97
C VAL A 189 -10.89 4.55 -5.69
N PRO A 190 -11.54 4.52 -4.51
CA PRO A 190 -10.76 4.39 -3.27
C PRO A 190 -9.92 3.10 -3.23
N ILE A 191 -10.49 1.98 -3.65
CA ILE A 191 -9.73 0.73 -3.72
C ILE A 191 -8.55 0.87 -4.66
N LEU A 192 -8.73 1.57 -5.78
CA LEU A 192 -7.60 1.77 -6.68
C LEU A 192 -6.50 2.59 -6.01
N ILE A 193 -6.87 3.64 -5.26
CA ILE A 193 -5.88 4.45 -4.53
C ILE A 193 -5.08 3.59 -3.55
N ILE A 194 -5.80 2.78 -2.78
CA ILE A 194 -5.18 1.83 -1.85
C ILE A 194 -4.25 0.85 -2.58
N THR A 195 -4.66 0.42 -3.76
CA THR A 195 -3.90 -0.55 -4.55
C THR A 195 -2.61 0.06 -5.09
N VAL A 196 -2.66 1.33 -5.43
CA VAL A 196 -1.47 2.05 -5.86
C VAL A 196 -0.50 2.21 -4.69
N CYS A 197 -0.99 2.78 -3.58
CA CYS A 197 -0.17 2.96 -2.40
C CYS A 197 0.49 1.68 -1.95
N TYR A 198 -0.33 0.74 -1.50
CA TYR A 198 0.15 -0.52 -0.99
C TYR A 198 0.88 -1.34 -2.02
N GLY A 199 0.52 -1.15 -3.28
CA GLY A 199 1.24 -1.78 -4.37
C GLY A 199 2.68 -1.31 -4.35
N LEU A 200 2.87 0.00 -4.20
CA LEU A 200 4.19 0.59 -4.11
C LEU A 200 4.97 0.09 -2.89
N MET A 201 4.38 0.22 -1.70
CA MET A 201 5.12 -0.20 -0.50
C MET A 201 5.23 -1.71 -0.34
N LEU A 202 4.65 -2.45 -1.30
CA LEU A 202 4.78 -3.90 -1.32
C LEU A 202 5.81 -4.34 -2.35
N LEU A 203 5.92 -3.58 -3.44
CA LEU A 203 6.89 -3.91 -4.49
C LEU A 203 8.30 -3.50 -4.11
N ARG A 204 8.42 -2.56 -3.17
CA ARG A 204 9.72 -2.02 -2.79
C ARG A 204 10.49 -2.93 -1.84
N LEU A 205 9.75 -3.72 -1.06
CA LEU A 205 10.38 -4.53 -0.02
C LEU A 205 11.24 -5.68 -0.54
N ARG A 206 10.82 -6.27 -1.67
CA ARG A 206 11.39 -7.55 -2.08
C ARG A 206 12.66 -7.44 -2.91
N SER A 207 13.74 -8.00 -2.38
CA SER A 207 14.99 -8.20 -3.12
C SER A 207 15.61 -6.92 -3.65
N VAL A 208 16.17 -7.03 -4.85
CA VAL A 208 16.79 -5.93 -5.57
C VAL A 208 16.27 -6.03 -6.99
N ARG A 209 16.07 -4.91 -7.66
CA ARG A 209 15.48 -4.96 -9.01
C ARG A 209 16.03 -3.92 -9.99
N ASN A 210 17.09 -3.22 -9.59
CA ASN A 210 17.70 -2.20 -10.43
C ASN A 210 19.18 -2.01 -10.14
N ILE A 211 19.87 -1.33 -11.06
CA ILE A 211 21.33 -1.16 -10.96
C ILE A 211 21.79 -0.56 -9.64
N PHE A 212 21.07 0.47 -9.19
CA PHE A 212 21.47 1.24 -8.02
C PHE A 212 21.50 0.40 -6.75
N GLU A 213 20.44 -0.38 -6.54
CA GLU A 213 20.35 -1.22 -5.34
C GLU A 213 21.32 -2.41 -5.42
N MET A 214 21.61 -2.84 -6.65
CA MET A 214 22.62 -3.86 -6.91
C MET A 214 24.00 -3.39 -6.44
N LEU A 215 24.42 -2.21 -6.92
CA LEU A 215 25.67 -1.63 -6.48
C LEU A 215 25.67 -1.30 -4.99
N ARG A 216 24.51 -1.00 -4.44
CA ARG A 216 24.40 -0.79 -3.00
C ARG A 216 24.70 -2.09 -2.25
N ILE A 217 24.36 -3.22 -2.87
CA ILE A 217 24.70 -4.51 -2.29
C ILE A 217 26.17 -4.83 -2.48
N ASP A 218 26.74 -4.37 -3.60
CA ASP A 218 28.14 -4.68 -3.91
C ASP A 218 29.19 -3.77 -3.24
N GLU A 219 29.15 -2.48 -3.54
CA GLU A 219 30.13 -1.54 -2.98
C GLU A 219 29.85 -1.18 -1.53
N GLY A 220 28.67 -1.57 -1.05
CA GLY A 220 28.27 -1.31 0.32
C GLY A 220 28.21 0.18 0.66
N LEU A 221 28.18 0.47 1.95
CA LEU A 221 28.13 1.87 2.40
C LEU A 221 28.91 2.10 3.69
N ARG A 222 29.83 3.06 3.65
CA ARG A 222 30.57 3.48 4.84
C ARG A 222 30.65 5.00 4.85
N LEU A 223 30.40 5.61 6.00
CA LEU A 223 30.34 7.07 6.07
C LEU A 223 31.71 7.75 6.17
N LYS A 224 32.60 7.19 7.00
CA LYS A 224 33.95 7.75 7.15
C LYS A 224 34.90 7.14 6.14
N ILE A 225 36.03 7.82 5.89
CA ILE A 225 37.02 7.39 4.91
C ILE A 225 37.57 5.99 5.22
N TYR A 226 37.78 5.18 4.18
CA TYR A 226 38.25 3.81 4.37
C TYR A 226 39.15 3.34 3.23
N LYS A 227 40.00 2.35 3.51
CA LYS A 227 40.90 1.80 2.50
C LYS A 227 40.27 0.59 1.82
N ASN A 228 40.05 0.71 0.52
CA ASN A 228 39.32 -0.32 -0.22
C ASN A 228 40.08 -1.64 -0.44
N THR A 229 39.48 -2.54 -1.20
CA THR A 229 40.03 -3.86 -1.47
C THR A 229 41.38 -3.80 -2.18
N GLU A 230 41.68 -2.68 -2.82
CA GLU A 230 42.94 -2.49 -3.51
C GLU A 230 43.96 -1.79 -2.62
N GLY A 231 43.47 -1.01 -1.68
CA GLY A 231 44.34 -0.29 -0.75
C GLY A 231 44.37 1.21 -1.03
N TYR A 232 43.28 1.71 -1.60
CA TYR A 232 43.19 3.13 -1.95
C TYR A 232 42.13 3.82 -1.11
N TYR A 233 42.20 5.14 -1.05
CA TYR A 233 41.29 5.91 -0.19
C TYR A 233 39.92 6.15 -0.85
N THR A 234 38.91 5.52 -0.27
CA THR A 234 37.57 5.50 -0.83
C THR A 234 36.57 5.92 0.24
N ILE A 235 35.49 6.60 -0.17
CA ILE A 235 34.46 7.02 0.77
C ILE A 235 33.05 6.80 0.19
N GLY A 236 32.10 6.43 1.04
CA GLY A 236 30.73 6.22 0.63
C GLY A 236 30.48 4.90 -0.10
N ILE A 237 29.89 4.99 -1.29
CA ILE A 237 29.63 3.81 -2.10
C ILE A 237 30.62 3.73 -3.27
N GLY A 238 31.75 3.06 -3.03
CA GLY A 238 32.75 2.80 -4.05
C GLY A 238 33.42 3.99 -4.69
N HIS A 239 33.23 5.17 -4.10
CA HIS A 239 33.79 6.40 -4.66
C HIS A 239 35.29 6.56 -4.33
N LEU A 240 36.13 6.39 -5.35
CA LEU A 240 37.56 6.49 -5.18
C LEU A 240 38.01 7.96 -5.07
N LEU A 241 38.83 8.26 -4.06
CA LEU A 241 39.28 9.63 -3.85
C LEU A 241 40.62 9.92 -4.54
N THR A 242 41.65 9.16 -4.17
CA THR A 242 42.97 9.31 -4.78
C THR A 242 43.88 8.09 -4.58
N LYS A 243 45.02 8.12 -5.26
CA LYS A 243 45.99 7.03 -5.18
C LYS A 243 47.05 7.29 -4.13
N SER A 244 47.30 8.58 -3.85
CA SER A 244 48.31 9.00 -2.87
C SER A 244 48.06 8.39 -1.51
N PRO A 245 49.11 7.78 -0.92
CA PRO A 245 48.99 7.13 0.39
C PRO A 245 48.87 8.15 1.50
N SER A 246 49.07 9.42 1.15
CA SER A 246 48.85 10.51 2.09
C SER A 246 47.36 10.72 2.30
N LEU A 247 46.93 10.56 3.54
CA LEU A 247 45.52 10.70 3.90
C LEU A 247 45.05 12.15 3.69
N ASN A 248 45.93 13.09 3.98
CA ASN A 248 45.66 14.51 3.79
C ASN A 248 45.24 14.83 2.35
N ALA A 249 45.88 14.15 1.40
CA ALA A 249 45.54 14.30 -0.01
C ALA A 249 44.11 13.87 -0.26
N ALA A 250 43.76 12.70 0.28
CA ALA A 250 42.40 12.17 0.16
C ALA A 250 41.38 13.15 0.71
N LYS A 251 41.64 13.70 1.89
CA LYS A 251 40.71 14.67 2.46
C LYS A 251 40.59 15.94 1.62
N SER A 252 41.71 16.42 1.08
CA SER A 252 41.66 17.61 0.23
C SER A 252 40.79 17.36 -1.00
N GLU A 253 40.93 16.17 -1.58
CA GLU A 253 40.10 15.78 -2.71
C GLU A 253 38.63 15.66 -2.32
N LEU A 254 38.39 15.26 -1.08
CA LEU A 254 37.04 15.09 -0.55
C LEU A 254 36.34 16.44 -0.39
N ASP A 255 37.05 17.39 0.21
CA ASP A 255 36.56 18.75 0.32
C ASP A 255 36.38 19.37 -1.06
N LYS A 256 37.23 18.92 -2.00
CA LYS A 256 37.15 19.39 -3.38
C LYS A 256 35.87 18.90 -4.07
N ALA A 257 35.52 17.64 -3.80
CA ALA A 257 34.37 17.02 -4.46
C ALA A 257 33.04 17.24 -3.75
N ILE A 258 33.09 17.71 -2.50
CA ILE A 258 31.86 18.06 -1.78
C ILE A 258 31.58 19.57 -1.81
N GLY A 259 32.52 20.37 -1.29
CA GLY A 259 32.34 21.81 -1.30
C GLY A 259 32.27 22.46 0.07
N ARG A 260 32.37 21.64 1.12
CA ARG A 260 32.50 22.17 2.48
C ARG A 260 33.78 21.62 3.11
N ASN A 261 33.95 21.85 4.41
CA ASN A 261 35.02 21.21 5.16
C ASN A 261 34.53 19.88 5.73
N THR A 262 35.03 18.79 5.17
CA THR A 262 34.44 17.46 5.43
C THR A 262 34.68 16.90 6.82
N ASN A 263 35.91 17.07 7.33
CA ASN A 263 36.36 16.46 8.58
C ASN A 263 36.51 14.95 8.51
N GLY A 264 36.46 14.40 7.30
CA GLY A 264 36.67 12.98 7.08
C GLY A 264 35.40 12.15 7.02
N VAL A 265 34.28 12.77 7.37
CA VAL A 265 32.99 12.07 7.39
C VAL A 265 31.93 12.89 6.67
N ILE A 266 31.15 12.22 5.83
CA ILE A 266 30.07 12.87 5.09
C ILE A 266 28.71 12.27 5.46
N THR A 267 27.65 12.93 5.01
CA THR A 267 26.28 12.47 5.23
C THR A 267 25.84 11.54 4.10
N LYS A 268 24.84 10.70 4.39
CA LYS A 268 24.32 9.73 3.43
C LYS A 268 23.78 10.37 2.15
N ASP A 269 23.13 11.53 2.30
CA ASP A 269 22.61 12.30 1.18
C ASP A 269 23.73 12.67 0.21
N GLU A 270 24.89 13.02 0.77
CA GLU A 270 26.07 13.39 -0.01
C GLU A 270 26.72 12.17 -0.66
N ALA A 271 26.75 11.06 0.08
CA ALA A 271 27.24 9.79 -0.45
C ALA A 271 26.46 9.40 -1.71
N GLU A 272 25.14 9.51 -1.63
CA GLU A 272 24.27 9.22 -2.77
C GLU A 272 24.38 10.26 -3.89
N LYS A 273 24.46 11.53 -3.51
CA LYS A 273 24.65 12.62 -4.48
C LYS A 273 25.94 12.44 -5.28
N LEU A 274 26.92 11.78 -4.68
CA LEU A 274 28.13 11.38 -5.41
C LEU A 274 27.87 10.14 -6.27
N PHE A 275 27.20 9.16 -5.66
CA PHE A 275 26.86 7.90 -6.30
C PHE A 275 26.23 8.13 -7.68
N ASN A 276 25.29 9.07 -7.75
CA ASN A 276 24.61 9.38 -9.00
C ASN A 276 25.56 9.77 -10.13
N GLN A 277 26.46 10.70 -9.84
CA GLN A 277 27.44 11.16 -10.83
C GLN A 277 28.37 10.01 -11.19
N ASP A 278 28.58 9.12 -10.23
CA ASP A 278 29.42 7.95 -10.48
C ASP A 278 28.81 7.00 -11.50
N VAL A 279 27.54 6.61 -11.30
CA VAL A 279 26.87 5.75 -12.28
C VAL A 279 26.69 6.45 -13.61
N ASP A 280 26.48 7.77 -13.54
CA ASP A 280 26.47 8.63 -14.71
C ASP A 280 27.71 8.38 -15.55
N ALA A 281 28.86 8.78 -15.01
CA ALA A 281 30.13 8.64 -15.71
C ALA A 281 30.38 7.20 -16.16
N ALA A 282 29.91 6.25 -15.37
CA ALA A 282 29.98 4.85 -15.79
C ALA A 282 29.28 4.66 -17.14
N VAL A 283 28.03 5.11 -17.22
CA VAL A 283 27.24 5.01 -18.45
C VAL A 283 27.83 5.80 -19.61
N ARG A 284 28.08 7.10 -19.39
CA ARG A 284 28.65 7.96 -20.41
C ARG A 284 29.94 7.37 -20.95
N GLY A 285 30.68 6.71 -20.07
CA GLY A 285 31.88 5.99 -20.45
C GLY A 285 31.56 4.77 -21.29
N ILE A 286 30.46 4.09 -20.97
CA ILE A 286 30.04 2.94 -21.76
C ILE A 286 29.67 3.34 -23.19
N LEU A 287 29.05 4.52 -23.33
CA LEU A 287 28.65 5.03 -24.63
C LEU A 287 29.82 5.60 -25.44
N ARG A 288 30.72 6.29 -24.77
CA ARG A 288 31.88 6.88 -25.43
C ARG A 288 32.81 5.82 -26.01
N ASN A 289 32.93 4.70 -25.32
CA ASN A 289 33.80 3.61 -25.77
C ASN A 289 33.12 2.81 -26.88
N ALA A 290 33.76 2.77 -28.04
CA ALA A 290 33.19 2.11 -29.22
C ALA A 290 33.08 0.60 -29.06
N LYS A 291 33.85 0.04 -28.12
CA LYS A 291 33.85 -1.41 -27.91
C LYS A 291 32.76 -1.87 -26.96
N LEU A 292 32.09 -0.92 -26.32
CA LEU A 292 31.06 -1.24 -25.34
C LEU A 292 29.65 -1.00 -25.87
N LYS A 293 29.46 0.15 -26.53
CA LYS A 293 28.15 0.60 -27.01
C LYS A 293 27.33 -0.43 -27.80
N PRO A 294 27.93 -1.11 -28.80
CA PRO A 294 27.12 -2.09 -29.53
C PRO A 294 26.84 -3.36 -28.72
N VAL A 295 27.68 -3.66 -27.75
CA VAL A 295 27.45 -4.81 -26.88
C VAL A 295 26.44 -4.42 -25.80
N TYR A 296 26.40 -3.12 -25.51
CA TYR A 296 25.49 -2.59 -24.51
C TYR A 296 24.07 -2.47 -25.08
N ASP A 297 23.97 -1.93 -26.30
CA ASP A 297 22.68 -1.71 -26.94
C ASP A 297 21.99 -3.02 -27.34
N SER A 298 22.76 -4.10 -27.43
CA SER A 298 22.22 -5.38 -27.86
C SER A 298 21.77 -6.23 -26.69
N LEU A 299 21.70 -5.62 -25.51
CA LEU A 299 21.31 -6.34 -24.29
C LEU A 299 19.95 -5.89 -23.74
N ASP A 300 19.40 -6.70 -22.85
CA ASP A 300 18.20 -6.34 -22.10
C ASP A 300 18.64 -5.62 -20.83
N ALA A 301 17.72 -4.85 -20.24
CA ALA A 301 18.03 -3.98 -19.10
C ALA A 301 18.90 -4.61 -17.99
N VAL A 302 18.63 -5.88 -17.67
CA VAL A 302 19.32 -6.56 -16.57
C VAL A 302 20.82 -6.76 -16.84
N ARG A 303 21.13 -7.48 -17.92
CA ARG A 303 22.52 -7.70 -18.29
C ARG A 303 23.23 -6.38 -18.56
N ARG A 304 22.47 -5.40 -19.04
CA ARG A 304 22.97 -4.04 -19.19
C ARG A 304 23.46 -3.54 -17.82
N ALA A 305 22.63 -3.73 -16.81
CA ALA A 305 22.98 -3.35 -15.44
C ALA A 305 24.26 -4.05 -14.99
N ALA A 306 24.40 -5.34 -15.32
CA ALA A 306 25.61 -6.07 -14.95
C ALA A 306 26.88 -5.50 -15.61
N LEU A 307 26.76 -5.18 -16.90
CA LEU A 307 27.85 -4.53 -17.63
C LEU A 307 28.22 -3.22 -16.94
N ILE A 308 27.22 -2.46 -16.52
CA ILE A 308 27.45 -1.21 -15.82
C ILE A 308 28.11 -1.44 -14.45
N ASN A 309 27.81 -2.58 -13.82
CA ASN A 309 28.49 -2.97 -12.59
C ASN A 309 29.98 -3.11 -12.85
N MET A 310 30.33 -3.87 -13.89
CA MET A 310 31.73 -4.04 -14.28
C MET A 310 32.42 -2.71 -14.59
N VAL A 311 31.77 -1.86 -15.35
CA VAL A 311 32.36 -0.57 -15.71
C VAL A 311 32.51 0.35 -14.48
N PHE A 312 31.58 0.24 -13.55
CA PHE A 312 31.64 1.01 -12.31
C PHE A 312 32.81 0.53 -11.46
N GLN A 313 33.08 -0.78 -11.53
CA GLN A 313 34.15 -1.37 -10.74
C GLN A 313 35.55 -1.10 -11.29
N MET A 314 35.74 -1.29 -12.59
CA MET A 314 37.09 -1.24 -13.16
C MET A 314 37.28 -0.33 -14.38
N GLY A 315 36.23 0.35 -14.80
CA GLY A 315 36.34 1.31 -15.90
C GLY A 315 36.23 0.75 -17.30
N GLU A 316 35.82 1.62 -18.23
CA GLU A 316 35.67 1.26 -19.64
C GLU A 316 36.99 0.77 -20.21
N THR A 317 38.09 1.25 -19.64
CA THR A 317 39.43 0.85 -20.01
C THR A 317 39.60 -0.66 -19.86
N GLY A 318 39.29 -1.16 -18.66
CA GLY A 318 39.48 -2.56 -18.34
C GLY A 318 38.38 -3.47 -18.86
N VAL A 319 37.16 -2.94 -18.97
CA VAL A 319 36.05 -3.74 -19.47
C VAL A 319 36.22 -4.07 -20.96
N ALA A 320 36.83 -3.15 -21.71
CA ALA A 320 37.05 -3.33 -23.14
C ALA A 320 38.00 -4.49 -23.45
N GLY A 321 38.84 -4.85 -22.48
CA GLY A 321 39.89 -5.84 -22.68
C GLY A 321 39.40 -7.25 -23.00
N PHE A 322 38.33 -7.67 -22.35
CA PHE A 322 37.82 -9.02 -22.54
C PHE A 322 36.97 -9.11 -23.81
N THR A 323 37.64 -9.05 -24.96
CA THR A 323 36.95 -9.00 -26.25
C THR A 323 36.20 -10.28 -26.58
N ASN A 324 36.84 -11.42 -26.31
CA ASN A 324 36.25 -12.72 -26.61
C ASN A 324 34.99 -12.97 -25.80
N SER A 325 35.06 -12.65 -24.51
CA SER A 325 33.91 -12.75 -23.62
C SER A 325 32.75 -11.88 -24.13
N LEU A 326 33.07 -10.65 -24.53
CA LEU A 326 32.09 -9.74 -25.09
C LEU A 326 31.42 -10.33 -26.34
N ARG A 327 32.24 -10.89 -27.22
CA ARG A 327 31.76 -11.51 -28.44
C ARG A 327 30.83 -12.68 -28.13
N MET A 328 31.09 -13.35 -27.02
CA MET A 328 30.19 -14.41 -26.56
C MET A 328 28.88 -13.82 -26.06
N LEU A 329 28.97 -12.66 -25.39
CA LEU A 329 27.79 -11.98 -24.86
C LEU A 329 26.84 -11.53 -25.97
N GLN A 330 27.36 -10.79 -26.94
CA GLN A 330 26.54 -10.25 -28.02
C GLN A 330 26.04 -11.37 -28.95
N GLN A 331 26.63 -12.55 -28.82
CA GLN A 331 26.17 -13.74 -29.55
C GLN A 331 25.02 -14.42 -28.80
N LYS A 332 24.74 -13.93 -27.61
CA LYS A 332 23.66 -14.45 -26.76
C LYS A 332 23.89 -15.90 -26.31
N ARG A 333 25.12 -16.37 -26.44
CA ARG A 333 25.50 -17.66 -25.89
C ARG A 333 25.92 -17.44 -24.45
N TRP A 334 24.95 -17.49 -23.53
CA TRP A 334 25.15 -17.09 -22.15
C TRP A 334 26.20 -17.91 -21.40
N ASP A 335 25.92 -19.19 -21.22
CA ASP A 335 26.76 -20.07 -20.42
C ASP A 335 28.21 -20.13 -20.92
N GLU A 336 28.39 -19.91 -22.22
CA GLU A 336 29.73 -19.83 -22.80
C GLU A 336 30.45 -18.57 -22.33
N ALA A 337 29.73 -17.45 -22.33
CA ALA A 337 30.28 -16.19 -21.85
C ALA A 337 30.62 -16.28 -20.37
N ALA A 338 29.75 -16.96 -19.61
CA ALA A 338 29.99 -17.21 -18.19
C ALA A 338 31.25 -18.06 -18.01
N VAL A 339 31.43 -19.03 -18.90
CA VAL A 339 32.62 -19.88 -18.89
C VAL A 339 33.90 -19.07 -19.10
N ASN A 340 33.92 -18.23 -20.13
CA ASN A 340 35.09 -17.40 -20.40
C ASN A 340 35.37 -16.39 -19.28
N LEU A 341 34.31 -15.78 -18.76
CA LEU A 341 34.48 -14.78 -17.71
C LEU A 341 34.93 -15.37 -16.38
N ALA A 342 34.45 -16.58 -16.08
CA ALA A 342 34.76 -17.23 -14.79
C ALA A 342 36.25 -17.38 -14.56
N LYS A 343 37.01 -17.55 -15.64
CA LYS A 343 38.46 -17.71 -15.55
C LYS A 343 39.17 -16.47 -16.06
N SER A 344 39.43 -15.52 -15.16
CA SER A 344 40.15 -14.31 -15.50
C SER A 344 40.73 -13.67 -14.24
N ARG A 345 41.38 -12.52 -14.42
CA ARG A 345 41.96 -11.80 -13.28
C ARG A 345 40.87 -11.21 -12.39
N TRP A 346 39.75 -10.85 -13.01
CA TRP A 346 38.63 -10.24 -12.30
C TRP A 346 38.03 -11.20 -11.27
N TYR A 347 37.75 -12.43 -11.69
CA TYR A 347 37.20 -13.44 -10.79
C TYR A 347 38.17 -13.74 -9.67
N ASN A 348 39.47 -13.74 -10.02
CA ASN A 348 40.52 -14.00 -9.05
C ASN A 348 40.54 -12.94 -7.94
N GLN A 349 40.56 -11.67 -8.34
CA GLN A 349 40.61 -10.57 -7.37
C GLN A 349 39.42 -10.55 -6.42
N THR A 350 38.22 -10.31 -6.96
CA THR A 350 37.01 -10.25 -6.15
C THR A 350 36.03 -11.36 -6.55
N PRO A 351 36.21 -12.57 -5.98
CA PRO A 351 35.51 -13.79 -6.38
C PRO A 351 33.99 -13.80 -6.15
N ASN A 352 33.54 -13.42 -4.95
CA ASN A 352 32.12 -13.49 -4.63
C ASN A 352 31.26 -12.57 -5.48
N ARG A 353 31.62 -11.29 -5.47
CA ARG A 353 30.93 -10.26 -6.26
C ARG A 353 30.89 -10.62 -7.73
N ALA A 354 32.04 -11.01 -8.27
CA ALA A 354 32.14 -11.44 -9.67
C ALA A 354 31.27 -12.66 -9.95
N LYS A 355 31.16 -13.55 -8.97
CA LYS A 355 30.32 -14.74 -9.11
C LYS A 355 28.85 -14.34 -9.23
N ARG A 356 28.43 -13.40 -8.38
CA ARG A 356 27.07 -12.88 -8.43
C ARG A 356 26.77 -12.18 -9.76
N VAL A 357 27.63 -11.24 -10.15
CA VAL A 357 27.48 -10.52 -11.42
C VAL A 357 27.43 -11.46 -12.62
N ILE A 358 28.31 -12.47 -12.61
CA ILE A 358 28.34 -13.46 -13.67
C ILE A 358 27.07 -14.30 -13.73
N THR A 359 26.57 -14.74 -12.57
CA THR A 359 25.32 -15.47 -12.53
C THR A 359 24.19 -14.62 -13.11
N THR A 360 24.18 -13.34 -12.73
CA THR A 360 23.25 -12.37 -13.27
C THR A 360 23.33 -12.32 -14.80
N PHE A 361 24.55 -12.30 -15.32
CA PHE A 361 24.78 -12.34 -16.77
C PHE A 361 24.20 -13.60 -17.40
N ARG A 362 24.36 -14.73 -16.70
CA ARG A 362 23.98 -16.03 -17.26
C ARG A 362 22.47 -16.25 -17.29
N THR A 363 21.77 -15.84 -16.22
CA THR A 363 20.35 -16.15 -16.10
C THR A 363 19.42 -15.04 -16.58
N GLY A 364 19.86 -13.79 -16.49
CA GLY A 364 19.05 -12.67 -16.92
C GLY A 364 18.04 -12.24 -15.88
N THR A 365 18.40 -12.45 -14.61
CA THR A 365 17.56 -12.07 -13.47
C THR A 365 18.42 -11.54 -12.34
N TRP A 366 17.79 -10.94 -11.34
CA TRP A 366 18.52 -10.50 -10.15
C TRP A 366 18.49 -11.60 -9.09
N ASP A 367 18.39 -12.85 -9.52
CA ASP A 367 18.22 -13.97 -8.60
C ASP A 367 19.43 -14.19 -7.69
N ALA A 368 20.62 -13.85 -8.18
CA ALA A 368 21.84 -14.03 -7.41
C ALA A 368 21.95 -13.03 -6.26
N TYR A 369 21.05 -12.05 -6.24
CA TYR A 369 21.11 -10.96 -5.27
C TYR A 369 19.92 -10.96 -4.29
N GLU A 370 18.97 -11.86 -4.49
CA GLU A 370 17.69 -11.78 -3.78
C GLU A 370 17.73 -12.20 -2.32
N LYS A 371 17.54 -11.23 -1.43
CA LYS A 371 17.33 -11.48 -0.01
C LYS A 371 16.01 -10.84 0.37
N ASP A 372 15.13 -11.61 1.01
CA ASP A 372 13.75 -11.16 1.23
C ASP A 372 13.42 -10.71 2.66
N ARG A 373 13.09 -9.43 2.79
CA ARG A 373 12.49 -8.90 4.00
C ARG A 373 10.98 -8.87 3.83
N SER A 374 10.23 -8.60 4.91
CA SER A 374 8.77 -8.68 4.82
C SER A 374 7.99 -7.71 5.71
N LEU A 375 7.41 -6.69 5.07
CA LEU A 375 6.45 -5.79 5.69
C LEU A 375 6.92 -5.10 6.97
N ARG A 376 5.96 -4.73 7.81
CA ARG A 376 6.22 -4.04 9.07
C ARG A 376 5.12 -4.43 10.03
N ARG A 377 5.20 -3.98 11.28
CA ARG A 377 4.15 -4.28 12.25
C ARG A 377 2.84 -3.56 11.88
N ILE A 378 2.85 -2.24 12.04
CA ILE A 378 1.68 -1.41 11.78
C ILE A 378 1.22 -1.54 10.32
N THR A 379 2.16 -1.41 9.40
CA THR A 379 1.84 -1.49 7.97
C THR A 379 1.09 -2.76 7.63
N ARG A 380 1.58 -3.89 8.11
CA ARG A 380 0.90 -5.16 7.91
C ARG A 380 -0.49 -5.14 8.56
N MET A 381 -0.60 -4.56 9.76
CA MET A 381 -1.90 -4.42 10.40
C MET A 381 -2.92 -3.69 9.50
N VAL A 382 -2.56 -2.48 9.08
CA VAL A 382 -3.42 -1.68 8.20
C VAL A 382 -3.78 -2.46 6.94
N LEU A 383 -2.79 -3.18 6.39
CA LEU A 383 -3.06 -4.05 5.25
C LEU A 383 -4.19 -5.02 5.55
N VAL A 384 -4.09 -5.69 6.69
CA VAL A 384 -5.11 -6.67 7.08
C VAL A 384 -6.49 -6.04 7.26
N VAL A 385 -6.56 -4.92 7.97
CA VAL A 385 -7.82 -4.20 8.13
C VAL A 385 -8.48 -3.88 6.78
N VAL A 386 -7.68 -3.32 5.87
CA VAL A 386 -8.16 -3.01 4.52
C VAL A 386 -8.66 -4.24 3.77
N GLY A 387 -7.87 -5.32 3.79
CA GLY A 387 -8.27 -6.56 3.15
C GLY A 387 -9.60 -7.08 3.68
N ALA A 388 -9.78 -6.95 4.98
CA ALA A 388 -11.03 -7.33 5.64
C ALA A 388 -12.21 -6.51 5.11
N PHE A 389 -12.07 -5.19 5.12
CA PHE A 389 -13.12 -4.32 4.59
C PHE A 389 -13.47 -4.66 3.16
N VAL A 390 -12.45 -4.83 2.33
CA VAL A 390 -12.65 -5.19 0.93
C VAL A 390 -13.39 -6.51 0.77
N VAL A 391 -13.04 -7.52 1.58
CA VAL A 391 -13.73 -8.80 1.51
C VAL A 391 -15.21 -8.70 1.93
N CYS A 392 -15.49 -7.93 2.98
CA CYS A 392 -16.87 -7.77 3.46
C CYS A 392 -17.74 -6.94 2.52
N TRP A 393 -17.15 -5.91 1.92
CA TRP A 393 -17.92 -4.95 1.16
C TRP A 393 -17.88 -5.13 -0.36
N ALA A 394 -17.03 -6.03 -0.84
CA ALA A 394 -16.99 -6.31 -2.28
C ALA A 394 -18.27 -6.96 -2.81
N PRO A 395 -18.78 -8.02 -2.13
CA PRO A 395 -20.04 -8.61 -2.59
C PRO A 395 -21.17 -7.60 -2.69
N ILE A 396 -21.56 -7.03 -1.56
CA ILE A 396 -22.72 -6.14 -1.50
C ILE A 396 -22.63 -4.94 -2.45
N HIS A 397 -21.42 -4.41 -2.66
CA HIS A 397 -21.21 -3.28 -3.57
C HIS A 397 -21.41 -3.68 -5.02
N ILE A 398 -20.76 -4.76 -5.41
CA ILE A 398 -20.87 -5.31 -6.75
C ILE A 398 -22.29 -5.83 -7.03
N PHE A 399 -22.89 -6.43 -6.00
CA PHE A 399 -24.25 -6.97 -6.10
C PHE A 399 -25.26 -5.89 -6.43
N VAL A 400 -25.28 -4.83 -5.62
CA VAL A 400 -26.19 -3.70 -5.78
C VAL A 400 -26.14 -3.13 -7.21
N ILE A 401 -24.96 -3.16 -7.81
CA ILE A 401 -24.81 -2.73 -9.20
C ILE A 401 -25.38 -3.77 -10.17
N VAL A 402 -25.03 -5.03 -9.94
CA VAL A 402 -25.57 -6.13 -10.75
C VAL A 402 -27.09 -6.15 -10.65
N TRP A 403 -27.60 -6.05 -9.43
CA TRP A 403 -29.04 -6.08 -9.17
C TRP A 403 -29.82 -5.02 -9.95
N THR A 404 -29.26 -3.82 -10.06
CA THR A 404 -29.94 -2.71 -10.72
C THR A 404 -29.66 -2.69 -12.23
N LEU A 405 -28.76 -3.56 -12.67
CA LEU A 405 -28.39 -3.60 -14.09
C LEU A 405 -28.52 -4.97 -14.75
N VAL A 406 -28.87 -5.99 -13.97
CA VAL A 406 -29.03 -7.35 -14.49
C VAL A 406 -30.42 -7.91 -14.19
N ASP A 407 -31.07 -8.49 -15.20
CA ASP A 407 -32.43 -9.06 -15.07
C ASP A 407 -32.32 -10.35 -14.23
N ILE A 408 -33.48 -10.91 -13.82
CA ILE A 408 -33.73 -12.10 -12.98
C ILE A 408 -33.82 -11.79 -11.49
N ASN A 409 -33.91 -10.50 -11.16
CA ASN A 409 -33.90 -10.07 -9.77
C ASN A 409 -35.16 -10.50 -9.01
N ARG A 410 -34.99 -10.86 -7.74
CA ARG A 410 -36.09 -11.22 -6.84
C ARG A 410 -36.84 -12.48 -7.28
N ARG A 411 -36.19 -13.30 -8.09
CA ARG A 411 -36.84 -14.46 -8.69
C ARG A 411 -37.10 -15.60 -7.70
N ASP A 412 -36.17 -15.84 -6.79
CA ASP A 412 -36.28 -16.98 -5.87
C ASP A 412 -35.46 -16.79 -4.59
N PRO A 413 -35.87 -17.48 -3.51
CA PRO A 413 -35.17 -17.45 -2.22
C PRO A 413 -33.65 -17.73 -2.28
N LEU A 414 -33.20 -18.46 -3.30
CA LEU A 414 -31.76 -18.69 -3.50
C LEU A 414 -31.03 -17.34 -3.56
N VAL A 415 -31.43 -16.53 -4.53
CA VAL A 415 -30.87 -15.19 -4.71
C VAL A 415 -31.12 -14.27 -3.52
N VAL A 416 -32.39 -14.09 -3.15
CA VAL A 416 -32.75 -13.22 -2.02
C VAL A 416 -31.91 -13.54 -0.77
N ALA A 417 -31.69 -14.82 -0.52
CA ALA A 417 -30.83 -15.26 0.57
C ALA A 417 -29.38 -14.84 0.33
N ALA A 418 -28.91 -15.01 -0.91
CA ALA A 418 -27.55 -14.55 -1.23
C ALA A 418 -27.36 -13.05 -0.90
N LEU A 419 -28.20 -12.22 -1.52
CA LEU A 419 -28.22 -10.78 -1.27
C LEU A 419 -28.22 -10.45 0.22
N HIS A 420 -29.19 -10.99 0.96
CA HIS A 420 -29.31 -10.67 2.38
C HIS A 420 -28.07 -11.10 3.18
N LEU A 421 -27.52 -12.26 2.82
CA LEU A 421 -26.26 -12.72 3.39
C LEU A 421 -25.16 -11.69 3.16
N CYS A 422 -25.16 -11.06 1.99
CA CYS A 422 -24.13 -10.06 1.69
C CYS A 422 -24.33 -8.71 2.42
N ILE A 423 -25.57 -8.26 2.53
CA ILE A 423 -25.88 -7.08 3.34
C ILE A 423 -25.33 -7.35 4.74
N ALA A 424 -25.66 -8.54 5.24
CA ALA A 424 -25.20 -8.98 6.55
C ALA A 424 -23.68 -8.92 6.70
N LEU A 425 -22.95 -9.60 5.80
CA LEU A 425 -21.49 -9.59 5.83
C LEU A 425 -20.90 -8.17 5.88
N GLY A 426 -21.37 -7.35 4.94
CA GLY A 426 -21.02 -5.95 4.92
C GLY A 426 -21.19 -5.30 6.28
N TYR A 427 -22.27 -5.63 6.98
CA TYR A 427 -22.46 -5.13 8.34
C TYR A 427 -21.47 -5.71 9.36
N ALA A 428 -21.25 -7.01 9.28
CA ALA A 428 -20.41 -7.75 10.21
C ALA A 428 -18.98 -7.23 10.24
N ASN A 429 -18.53 -6.64 9.13
CA ASN A 429 -17.24 -5.92 9.15
C ASN A 429 -17.08 -4.99 10.37
N SER A 430 -18.13 -4.21 10.64
CA SER A 430 -18.16 -3.23 11.72
C SER A 430 -18.00 -3.86 13.12
N SER A 431 -18.17 -5.17 13.20
CA SER A 431 -17.93 -5.88 14.45
C SER A 431 -16.59 -6.59 14.38
N LEU A 432 -16.11 -6.82 13.16
CA LEU A 432 -14.82 -7.49 12.97
C LEU A 432 -13.63 -6.59 13.30
N ASN A 433 -13.80 -5.28 13.10
CA ASN A 433 -12.68 -4.34 13.39
C ASN A 433 -12.02 -4.43 14.78
N PRO A 434 -12.81 -4.35 15.88
CA PRO A 434 -12.19 -4.39 17.21
C PRO A 434 -11.43 -5.69 17.51
N VAL A 435 -11.91 -6.81 16.99
CA VAL A 435 -11.22 -8.09 17.15
C VAL A 435 -9.81 -8.03 16.55
N LEU A 436 -9.70 -7.42 15.38
CA LEU A 436 -8.42 -7.32 14.67
C LEU A 436 -7.37 -6.48 15.40
N TYR A 437 -7.79 -5.38 16.01
CA TYR A 437 -6.87 -4.51 16.73
C TYR A 437 -6.23 -5.25 17.90
N ALA A 438 -6.96 -6.24 18.42
CA ALA A 438 -6.53 -6.96 19.60
C ALA A 438 -5.40 -7.94 19.33
N PHE A 439 -5.14 -8.24 18.05
CA PHE A 439 -4.12 -9.21 17.68
C PHE A 439 -2.95 -8.58 16.94
N LEU A 440 -3.17 -7.41 16.35
CA LEU A 440 -2.21 -6.87 15.39
C LEU A 440 -1.39 -5.67 15.86
N ASP A 441 -1.76 -5.07 16.99
CA ASP A 441 -1.03 -3.90 17.47
C ASP A 441 -0.53 -4.11 18.91
N GLU A 442 0.73 -3.76 19.13
CA GLU A 442 1.36 -3.91 20.43
C GLU A 442 0.75 -2.95 21.46
N ASN A 443 0.42 -1.74 21.01
CA ASN A 443 -0.15 -0.72 21.87
C ASN A 443 -1.53 -1.09 22.43
N PHE A 444 -2.24 -1.94 21.69
CA PHE A 444 -3.57 -2.38 22.10
C PHE A 444 -3.52 -3.65 22.97
N LYS A 445 -2.53 -4.51 22.70
CA LYS A 445 -2.49 -5.83 23.32
C LYS A 445 -1.81 -5.85 24.70
N ARG A 446 -0.92 -4.89 24.95
CA ARG A 446 -0.27 -4.77 26.24
C ARG A 446 -1.23 -4.26 27.31
N CYS A 447 -2.30 -3.60 26.86
CA CYS A 447 -3.34 -3.10 27.75
C CYS A 447 -4.41 -4.15 28.02
#